data_8J5W
#
_entry.id   8J5W
#
_cell.length_a   51.677
_cell.length_b   51.677
_cell.length_c   229.152
_cell.angle_alpha   90.0
_cell.angle_beta   90.0
_cell.angle_gamma   120.0
#
_symmetry.space_group_name_H-M   'P 31 1 2'
#
loop_
_entity.id
_entity.type
_entity.pdbx_description
1 polymer 'High affinity nerve growth factor receptor'
2 non-polymer N-(3-cyclopropyl-5-((4-methylpiperazin-1-yl)methyl)phenyl)-4^6-methyl-14-oxo-5-oxa-13-aza-1(3,6)-imidazo[1,2-b]pyridazina-4(1,3)-benzenacyclotetradecaphan-2-yne-4^5-carboxamide
#
_entity_poly.entity_id   1
_entity_poly.type   'polypeptide(L)'
_entity_poly.pdbx_seq_one_letter_code
;SGLQGHIIENPQYFSDACVHHIKRRDIVLKWELGEGAFGKVFLAECHNLLPEQDKMLVAVKALKEASESARQDFQREAEL
LTMLQHQHIVRFFGVCTEGRPLLMVLEYMRHGDLNRFLRSHGPDAKLLAGGEDVAPGPLGLGQLLAVASQVAAGMVYLAG
LHFVHRDLATRNCLVGQGLVVKIGDFGMSRDIYSTDYYRVGGRTMLPIRWMPPESILYRKFTTESDVWSFGVVLWEIFTY
GKQPWYQLSNTEAIDCITQGRELERPRACPPEVYAIMRGCWQREPQQRHSIKDVHARLQALAQAPPVYLDVLG
;
_entity_poly.pdbx_strand_id   A
#
loop_
_chem_comp.id
_chem_comp.type
_chem_comp.name
_chem_comp.formula
A4U non-polymer N-(3-cyclopropyl-5-((4-methylpiperazin-1-yl)methyl)phenyl)-4^6-methyl-14-oxo-5-oxa-13-aza-1(3,6)-imidazo[1,2-b]pyridazina-4(1,3)-benzenacyclotetradecaphan-2-yne-4^5-carboxamide 'C39 H45 N7 O3'
#
# COMPACT_ATOMS: atom_id res chain seq x y z
N GLY A 2 0.86 -8.94 -3.21
CA GLY A 2 1.25 -10.32 -2.99
C GLY A 2 2.22 -10.48 -1.82
N LEU A 3 1.74 -11.11 -0.76
CA LEU A 3 2.58 -11.37 0.40
C LEU A 3 3.10 -12.80 0.42
N GLN A 4 4.01 -13.13 -0.50
CA GLN A 4 4.59 -14.46 -0.57
C GLN A 4 6.12 -14.39 -0.70
N GLY A 5 6.81 -14.02 0.37
CA GLY A 5 6.19 -13.74 1.66
C GLY A 5 6.37 -14.88 2.64
N HIS A 6 7.56 -15.46 2.66
CA HIS A 6 7.89 -16.53 3.60
C HIS A 6 9.39 -16.58 3.85
N ASP A 16 -7.62 -21.31 10.79
CA ASP A 16 -8.52 -22.44 10.61
C ASP A 16 -8.94 -23.21 11.88
N ALA A 17 -9.33 -22.53 12.97
CA ALA A 17 -9.52 -21.10 13.04
C ALA A 17 -8.46 -20.41 13.90
N CYS A 18 -7.31 -20.13 13.30
CA CYS A 18 -6.38 -19.16 13.84
C CYS A 18 -6.98 -17.79 13.57
N VAL A 19 -7.86 -17.77 12.57
CA VAL A 19 -8.62 -16.59 12.19
C VAL A 19 -9.85 -16.43 13.08
N HIS A 20 -10.23 -15.19 13.34
CA HIS A 20 -11.45 -14.93 14.10
C HIS A 20 -12.66 -15.02 13.16
N HIS A 21 -13.82 -15.31 13.73
CA HIS A 21 -15.02 -15.51 12.92
C HIS A 21 -16.13 -14.57 13.34
N ILE A 22 -16.84 -14.02 12.35
CA ILE A 22 -17.93 -13.09 12.62
C ILE A 22 -19.25 -13.65 12.10
N LYS A 23 -20.26 -13.70 12.97
CA LYS A 23 -21.57 -14.16 12.56
C LYS A 23 -22.15 -13.25 11.47
N ARG A 24 -22.73 -13.87 10.45
CA ARG A 24 -23.28 -13.16 9.31
C ARG A 24 -24.34 -12.13 9.71
N ARG A 25 -25.12 -12.45 10.73
CA ARG A 25 -26.19 -11.55 11.18
C ARG A 25 -25.63 -10.26 11.78
N ASP A 26 -24.40 -10.33 12.28
CA ASP A 26 -23.76 -9.15 12.86
C ASP A 26 -23.27 -8.18 11.78
N ILE A 27 -23.30 -8.61 10.53
CA ILE A 27 -22.85 -7.77 9.42
C ILE A 27 -24.03 -7.26 8.59
N VAL A 28 -24.09 -5.96 8.40
CA VAL A 28 -25.17 -5.35 7.63
C VAL A 28 -24.60 -4.52 6.49
N LEU A 29 -24.62 -5.09 5.28
CA LEU A 29 -24.12 -4.41 4.09
C LEU A 29 -24.90 -3.13 3.82
N LYS A 30 -24.17 -2.04 3.62
CA LYS A 30 -24.79 -0.74 3.34
C LYS A 30 -24.76 -0.44 1.85
N TRP A 31 -23.57 -0.40 1.28
CA TRP A 31 -23.42 -0.23 -0.16
C TRP A 31 -22.04 -0.68 -0.64
N GLU A 32 -21.90 -0.80 -1.95
CA GLU A 32 -20.63 -1.17 -2.55
C GLU A 32 -19.65 0.00 -2.53
N LEU A 33 -18.38 -0.30 -2.26
CA LEU A 33 -17.33 0.71 -2.25
C LEU A 33 -16.49 0.60 -3.51
N GLY A 34 -16.39 -0.62 -4.03
CA GLY A 34 -15.64 -0.86 -5.25
C GLY A 34 -15.70 -2.32 -5.65
N GLU A 35 -15.11 -2.63 -6.81
CA GLU A 35 -15.24 -3.96 -7.37
C GLU A 35 -13.96 -4.42 -8.05
N GLY A 36 -13.66 -5.72 -7.92
CA GLY A 36 -12.53 -6.32 -8.61
C GLY A 36 -12.99 -7.52 -9.39
N ALA A 37 -12.05 -8.20 -10.04
CA ALA A 37 -12.37 -9.38 -10.83
C ALA A 37 -12.66 -10.57 -9.93
N PHE A 38 -12.10 -10.54 -8.71
CA PHE A 38 -12.20 -11.67 -7.80
C PHE A 38 -13.12 -11.40 -6.61
N GLY A 39 -13.63 -10.17 -6.51
CA GLY A 39 -14.53 -9.84 -5.42
C GLY A 39 -14.99 -8.39 -5.34
N LYS A 40 -16.02 -8.16 -4.54
CA LYS A 40 -16.55 -6.83 -4.31
C LYS A 40 -16.28 -6.40 -2.88
N VAL A 41 -16.02 -5.11 -2.68
CA VAL A 41 -15.87 -4.56 -1.34
C VAL A 41 -17.11 -3.72 -0.98
N PHE A 42 -17.67 -4.00 0.19
CA PHE A 42 -18.84 -3.26 0.67
C PHE A 42 -18.51 -2.48 1.93
N LEU A 43 -19.20 -1.35 2.10
CA LEU A 43 -19.22 -0.69 3.40
C LEU A 43 -20.34 -1.34 4.20
N ALA A 44 -20.12 -1.55 5.49
CA ALA A 44 -21.10 -2.28 6.30
C ALA A 44 -21.05 -1.89 7.76
N GLU A 45 -22.15 -2.15 8.47
CA GLU A 45 -22.17 -2.01 9.92
C GLU A 45 -21.88 -3.37 10.54
N CYS A 46 -20.96 -3.39 11.50
CA CYS A 46 -20.63 -4.64 12.19
C CYS A 46 -20.91 -4.50 13.68
N HIS A 47 -21.93 -5.19 14.15
CA HIS A 47 -22.34 -5.11 15.54
C HIS A 47 -21.53 -6.08 16.40
N ASN A 48 -21.35 -5.71 17.67
CA ASN A 48 -20.67 -6.53 18.66
C ASN A 48 -19.25 -6.92 18.27
N LEU A 49 -18.64 -6.13 17.39
CA LEU A 49 -17.27 -6.40 16.96
C LEU A 49 -16.27 -5.89 17.98
N LEU A 50 -16.38 -4.61 18.30
CA LEU A 50 -15.56 -4.02 19.35
C LEU A 50 -16.45 -3.61 20.53
N PRO A 51 -15.94 -3.75 21.76
CA PRO A 51 -16.73 -3.47 22.96
C PRO A 51 -17.15 -2.01 23.07
N GLU A 52 -16.21 -1.09 22.86
CA GLU A 52 -16.47 0.33 23.02
C GLU A 52 -17.48 0.84 22.00
N GLN A 53 -17.47 0.25 20.82
CA GLN A 53 -18.38 0.67 19.75
C GLN A 53 -19.48 -0.36 19.50
N ASP A 54 -20.69 -0.03 19.93
CA ASP A 54 -21.86 -0.89 19.73
C ASP A 54 -22.07 -1.21 18.25
N LYS A 55 -21.87 -0.20 17.41
CA LYS A 55 -22.01 -0.36 15.97
C LYS A 55 -20.93 0.44 15.24
N MET A 56 -20.08 -0.27 14.49
CA MET A 56 -19.01 0.38 13.77
C MET A 56 -19.00 0.02 12.29
N LEU A 57 -18.43 0.89 11.47
CA LEU A 57 -18.32 0.65 10.04
C LEU A 57 -17.09 -0.19 9.71
N VAL A 58 -17.27 -1.13 8.80
CA VAL A 58 -16.17 -1.97 8.34
C VAL A 58 -16.21 -2.12 6.83
N ALA A 59 -15.11 -2.63 6.27
CA ALA A 59 -15.06 -2.96 4.85
C ALA A 59 -15.20 -4.46 4.68
N VAL A 60 -16.13 -4.88 3.84
CA VAL A 60 -16.39 -6.30 3.65
C VAL A 60 -16.11 -6.74 2.21
N LYS A 61 -15.12 -7.61 2.06
CA LYS A 61 -14.77 -8.16 0.76
C LYS A 61 -15.45 -9.51 0.57
N ALA A 62 -16.30 -9.60 -0.45
CA ALA A 62 -17.00 -10.83 -0.75
C ALA A 62 -16.32 -11.61 -1.86
N LEU A 63 -16.02 -12.87 -1.60
CA LEU A 63 -15.34 -13.72 -2.57
C LEU A 63 -16.28 -14.04 -3.74
N LYS A 64 -15.78 -13.86 -4.95
CA LYS A 64 -16.58 -14.08 -6.15
C LYS A 64 -17.14 -15.50 -6.23
N GLU A 65 -16.25 -16.49 -6.30
CA GLU A 65 -16.66 -17.89 -6.40
C GLU A 65 -15.83 -18.78 -5.47
N GLU A 68 -13.90 -22.00 -6.78
CA GLU A 68 -13.83 -23.26 -6.05
C GLU A 68 -12.45 -23.47 -5.42
N SER A 69 -11.43 -22.91 -6.07
CA SER A 69 -10.07 -22.96 -5.54
C SER A 69 -9.75 -21.68 -4.80
N ALA A 70 -10.74 -20.80 -4.70
CA ALA A 70 -10.59 -19.52 -4.03
C ALA A 70 -10.74 -19.69 -2.52
N ARG A 71 -11.54 -20.67 -2.11
CA ARG A 71 -11.72 -21.00 -0.69
C ARG A 71 -10.37 -21.26 -0.04
N GLN A 72 -9.50 -21.96 -0.77
CA GLN A 72 -8.17 -22.24 -0.31
C GLN A 72 -7.34 -20.96 -0.24
N ASP A 73 -7.44 -20.14 -1.29
CA ASP A 73 -6.75 -18.85 -1.32
C ASP A 73 -7.33 -17.91 -0.28
N PHE A 74 -8.63 -18.02 -0.05
CA PHE A 74 -9.32 -17.22 0.96
C PHE A 74 -8.77 -17.53 2.35
N GLN A 75 -8.70 -18.81 2.67
CA GLN A 75 -8.23 -19.26 3.97
C GLN A 75 -6.77 -18.87 4.21
N ARG A 76 -5.97 -18.91 3.14
CA ARG A 76 -4.57 -18.51 3.22
C ARG A 76 -4.42 -17.06 3.66
N GLU A 77 -5.00 -16.16 2.87
CA GLU A 77 -4.89 -14.72 3.11
C GLU A 77 -5.41 -14.33 4.50
N ALA A 78 -6.52 -14.92 4.90
CA ALA A 78 -7.11 -14.64 6.22
C ALA A 78 -6.13 -15.01 7.32
N GLU A 79 -5.49 -16.16 7.18
CA GLU A 79 -4.48 -16.60 8.15
C GLU A 79 -3.29 -15.65 8.15
N LEU A 80 -2.91 -15.17 6.98
CA LEU A 80 -1.82 -14.21 6.86
C LEU A 80 -2.19 -12.89 7.51
N LEU A 81 -3.37 -12.37 7.18
CA LEU A 81 -3.80 -11.07 7.68
C LEU A 81 -3.97 -11.04 9.18
N THR A 82 -4.34 -12.18 9.76
CA THR A 82 -4.50 -12.27 11.21
C THR A 82 -3.13 -12.27 11.90
N MET A 83 -2.15 -12.93 11.28
CA MET A 83 -0.79 -12.92 11.81
C MET A 83 -0.16 -11.54 11.67
N LEU A 84 -0.29 -10.96 10.49
CA LEU A 84 0.27 -9.64 10.21
C LEU A 84 -0.61 -8.53 10.74
N GLN A 85 -0.54 -8.29 12.04
CA GLN A 85 -1.30 -7.21 12.65
C GLN A 85 -0.38 -6.24 13.39
N HIS A 86 -0.28 -5.04 12.85
CA HIS A 86 0.64 -4.02 13.33
C HIS A 86 -0.02 -2.65 13.14
N GLN A 87 0.57 -1.61 13.74
CA GLN A 87 -0.02 -0.27 13.71
C GLN A 87 -0.14 0.32 12.30
N HIS A 88 0.70 -0.15 11.37
CA HIS A 88 0.66 0.39 10.02
C HIS A 88 0.35 -0.69 8.99
N ILE A 89 -0.29 -1.75 9.45
CA ILE A 89 -0.88 -2.75 8.58
C ILE A 89 -2.39 -2.69 8.78
N VAL A 90 -3.15 -2.76 7.69
CA VAL A 90 -4.60 -2.68 7.76
C VAL A 90 -5.17 -3.71 8.73
N ARG A 91 -5.99 -3.23 9.66
CA ARG A 91 -6.55 -4.08 10.71
C ARG A 91 -7.49 -5.13 10.13
N PHE A 92 -7.33 -6.37 10.58
CA PHE A 92 -8.15 -7.48 10.12
C PHE A 92 -8.98 -8.03 11.27
N PHE A 93 -10.30 -8.01 11.12
CA PHE A 93 -11.19 -8.38 12.21
C PHE A 93 -11.59 -9.84 12.17
N GLY A 94 -11.67 -10.41 10.98
CA GLY A 94 -12.04 -11.80 10.85
C GLY A 94 -12.83 -12.12 9.60
N VAL A 95 -13.34 -13.35 9.56
CA VAL A 95 -14.05 -13.85 8.39
C VAL A 95 -15.44 -14.34 8.74
N CYS A 96 -16.31 -14.38 7.73
CA CYS A 96 -17.60 -15.01 7.90
C CYS A 96 -17.75 -16.14 6.89
N THR A 97 -17.48 -17.36 7.35
CA THR A 97 -17.66 -18.56 6.54
C THR A 97 -19.02 -19.16 6.82
N GLU A 98 -19.84 -18.42 7.57
CA GLU A 98 -21.21 -18.82 7.90
C GLU A 98 -22.08 -18.76 6.65
N GLY A 99 -22.09 -19.86 5.89
CA GLY A 99 -22.78 -19.88 4.62
C GLY A 99 -22.01 -19.10 3.58
N ARG A 100 -22.62 -18.88 2.42
CA ARG A 100 -21.98 -18.11 1.35
C ARG A 100 -22.76 -16.82 1.10
N PRO A 101 -22.09 -15.80 0.53
CA PRO A 101 -20.69 -15.77 0.10
C PRO A 101 -19.71 -15.69 1.26
N LEU A 102 -18.47 -16.13 1.04
CA LEU A 102 -17.43 -16.00 2.04
C LEU A 102 -17.04 -14.54 2.17
N LEU A 103 -17.07 -14.03 3.40
CA LEU A 103 -16.77 -12.62 3.63
C LEU A 103 -15.48 -12.43 4.43
N MET A 104 -14.74 -11.38 4.09
CA MET A 104 -13.60 -10.95 4.88
C MET A 104 -13.90 -9.57 5.42
N VAL A 105 -13.71 -9.39 6.73
CA VAL A 105 -14.06 -8.14 7.38
C VAL A 105 -12.82 -7.37 7.79
N LEU A 106 -12.66 -6.18 7.24
CA LEU A 106 -11.50 -5.35 7.52
C LEU A 106 -11.89 -3.97 8.01
N GLU A 107 -10.92 -3.27 8.58
CA GLU A 107 -11.09 -1.88 9.00
C GLU A 107 -11.42 -1.00 7.80
N TYR A 108 -12.37 -0.09 7.98
CA TYR A 108 -12.72 0.86 6.94
C TYR A 108 -11.81 2.09 7.01
N MET A 109 -11.26 2.47 5.87
CA MET A 109 -10.39 3.64 5.76
C MET A 109 -11.07 4.65 4.84
N ARG A 110 -11.59 5.73 5.41
CA ARG A 110 -12.51 6.61 4.70
C ARG A 110 -11.90 7.34 3.51
N HIS A 111 -10.57 7.46 3.46
CA HIS A 111 -9.93 8.19 2.36
C HIS A 111 -9.50 7.28 1.21
N GLY A 112 -9.81 6.00 1.32
CA GLY A 112 -9.50 5.06 0.24
C GLY A 112 -8.02 4.77 0.11
N ASP A 113 -7.59 4.40 -1.09
CA ASP A 113 -6.21 3.99 -1.27
C ASP A 113 -5.31 5.22 -1.42
N LEU A 114 -4.06 5.07 -1.02
CA LEU A 114 -3.13 6.19 -0.93
C LEU A 114 -2.92 6.90 -2.26
N ASN A 115 -2.91 6.14 -3.35
CA ASN A 115 -2.72 6.75 -4.67
C ASN A 115 -3.83 7.73 -5.00
N ARG A 116 -5.07 7.30 -4.81
CA ARG A 116 -6.23 8.15 -5.04
C ARG A 116 -6.19 9.38 -4.13
N PHE A 117 -5.80 9.16 -2.88
CA PHE A 117 -5.69 10.25 -1.92
C PHE A 117 -4.65 11.29 -2.33
N LEU A 118 -3.52 10.81 -2.84
CA LEU A 118 -2.44 11.70 -3.27
C LEU A 118 -2.89 12.60 -4.42
N ARG A 119 -3.63 12.03 -5.36
CA ARG A 119 -4.04 12.75 -6.55
C ARG A 119 -5.08 13.82 -6.23
N SER A 120 -5.92 13.53 -5.24
CA SER A 120 -6.99 14.44 -4.86
C SER A 120 -6.48 15.57 -3.96
N HIS A 121 -5.22 15.49 -3.57
CA HIS A 121 -4.61 16.58 -2.81
C HIS A 121 -3.30 17.01 -3.47
N GLY A 122 -3.24 16.83 -4.78
CA GLY A 122 -2.10 17.25 -5.56
C GLY A 122 -2.39 18.58 -6.22
N PRO A 123 -1.35 19.26 -6.70
CA PRO A 123 -1.51 20.60 -7.26
C PRO A 123 -2.43 20.65 -8.50
N ASP A 124 -3.38 21.57 -8.63
CA ASP A 124 -3.96 22.47 -7.60
C ASP A 124 -3.03 23.11 -6.57
N LEU A 127 -8.88 26.16 0.29
CA LEU A 127 -9.76 25.89 -0.84
C LEU A 127 -10.57 24.60 -0.65
N LEU A 128 -11.04 24.05 -1.76
CA LEU A 128 -12.03 22.98 -1.75
C LEU A 128 -11.48 21.60 -1.39
N ALA A 129 -10.18 21.39 -1.59
CA ALA A 129 -9.57 20.10 -1.33
C ALA A 129 -9.47 19.79 0.17
N GLY A 130 -9.25 20.82 0.97
CA GLY A 130 -9.12 20.67 2.40
C GLY A 130 -10.38 20.15 3.06
N GLY A 131 -10.21 19.41 4.16
CA GLY A 131 -11.34 18.84 4.85
C GLY A 131 -11.11 18.67 6.35
N GLU A 132 -11.82 17.72 6.93
CA GLU A 132 -11.68 17.40 8.35
C GLU A 132 -10.26 16.98 8.73
N ASP A 133 -9.65 16.16 7.89
CA ASP A 133 -8.35 15.58 8.18
C ASP A 133 -7.19 16.28 7.47
N VAL A 134 -7.51 17.01 6.40
CA VAL A 134 -6.47 17.56 5.54
C VAL A 134 -6.58 19.06 5.33
N ALA A 135 -5.44 19.74 5.45
CA ALA A 135 -5.35 21.15 5.12
C ALA A 135 -5.63 21.36 3.63
N PRO A 136 -6.07 22.56 3.25
CA PRO A 136 -6.34 22.85 1.84
C PRO A 136 -5.07 22.84 0.99
N GLY A 137 -5.25 22.78 -0.33
CA GLY A 137 -4.14 22.79 -1.25
C GLY A 137 -3.31 21.53 -1.22
N PRO A 138 -2.13 21.57 -1.86
CA PRO A 138 -1.20 20.43 -1.90
C PRO A 138 -0.75 20.05 -0.51
N LEU A 139 -0.54 18.76 -0.28
CA LEU A 139 -0.03 18.30 1.00
C LEU A 139 1.32 18.94 1.29
N GLY A 140 1.49 19.39 2.53
CA GLY A 140 2.74 20.01 2.93
C GLY A 140 3.88 19.02 3.00
N LEU A 141 5.10 19.53 3.00
CA LEU A 141 6.29 18.70 3.12
C LEU A 141 6.23 17.78 4.34
N GLY A 142 5.79 18.34 5.48
CA GLY A 142 5.69 17.57 6.70
C GLY A 142 4.68 16.44 6.59
N GLN A 143 3.65 16.65 5.78
CA GLN A 143 2.60 15.65 5.61
C GLN A 143 3.06 14.51 4.71
N LEU A 144 3.76 14.86 3.63
CA LEU A 144 4.28 13.88 2.70
C LEU A 144 5.30 12.97 3.39
N LEU A 145 6.11 13.56 4.25
CA LEU A 145 7.08 12.80 5.03
C LEU A 145 6.37 11.91 6.04
N ALA A 146 5.27 12.42 6.59
CA ALA A 146 4.49 11.69 7.56
C ALA A 146 3.85 10.46 6.92
N VAL A 147 3.41 10.61 5.68
CA VAL A 147 2.82 9.50 4.93
C VAL A 147 3.88 8.46 4.59
N ALA A 148 5.04 8.95 4.16
CA ALA A 148 6.15 8.08 3.79
C ALA A 148 6.70 7.35 5.01
N SER A 149 6.81 8.06 6.12
CA SER A 149 7.30 7.46 7.37
C SER A 149 6.41 6.31 7.80
N GLN A 150 5.10 6.50 7.71
CA GLN A 150 4.15 5.48 8.12
C GLN A 150 4.24 4.21 7.28
N VAL A 151 4.39 4.37 5.96
CA VAL A 151 4.53 3.22 5.08
C VAL A 151 5.82 2.45 5.37
N ALA A 152 6.90 3.19 5.61
CA ALA A 152 8.19 2.58 5.94
C ALA A 152 8.09 1.75 7.21
N ALA A 153 7.43 2.31 8.21
CA ALA A 153 7.22 1.61 9.48
C ALA A 153 6.54 0.28 9.24
N GLY A 154 5.56 0.27 8.34
CA GLY A 154 4.85 -0.94 7.99
C GLY A 154 5.77 -1.95 7.35
N MET A 155 6.68 -1.47 6.51
CA MET A 155 7.63 -2.35 5.84
C MET A 155 8.73 -2.82 6.79
N VAL A 156 9.07 -2.00 7.77
CA VAL A 156 10.01 -2.40 8.81
C VAL A 156 9.47 -3.59 9.58
N TYR A 157 8.18 -3.55 9.87
CA TYR A 157 7.52 -4.66 10.55
C TYR A 157 7.53 -5.92 9.69
N LEU A 158 7.14 -5.79 8.42
CA LEU A 158 7.10 -6.91 7.50
C LEU A 158 8.48 -7.55 7.30
N ALA A 159 9.48 -6.70 7.16
CA ALA A 159 10.85 -7.15 6.96
C ALA A 159 11.37 -7.83 8.23
N GLY A 160 10.87 -7.38 9.37
CA GLY A 160 11.25 -7.95 10.66
C GLY A 160 10.75 -9.37 10.81
N LEU A 161 9.59 -9.66 10.23
CA LEU A 161 9.04 -11.00 10.24
C LEU A 161 9.54 -11.78 9.02
N HIS A 162 10.43 -11.16 8.25
CA HIS A 162 11.03 -11.75 7.06
C HIS A 162 9.96 -12.10 6.03
N PHE A 163 8.93 -11.27 5.96
CA PHE A 163 7.93 -11.36 4.91
C PHE A 163 8.29 -10.44 3.77
N VAL A 164 7.77 -10.75 2.59
CA VAL A 164 8.07 -9.98 1.39
C VAL A 164 6.78 -9.54 0.68
N HIS A 165 6.66 -8.23 0.44
CA HIS A 165 5.51 -7.69 -0.28
C HIS A 165 5.85 -7.48 -1.76
N ARG A 166 5.31 -8.34 -2.62
CA ARG A 166 5.70 -8.35 -4.02
C ARG A 166 4.99 -7.30 -4.86
N ASP A 167 4.24 -6.41 -4.20
CA ASP A 167 3.48 -5.40 -4.93
C ASP A 167 3.31 -4.12 -4.11
N LEU A 168 4.42 -3.64 -3.55
CA LEU A 168 4.38 -2.42 -2.75
C LEU A 168 4.21 -1.20 -3.64
N ALA A 169 3.04 -0.56 -3.52
CA ALA A 169 2.72 0.65 -4.28
C ALA A 169 1.66 1.42 -3.51
N THR A 170 1.50 2.70 -3.81
CA THR A 170 0.55 3.52 -3.06
C THR A 170 -0.89 3.04 -3.26
N ARG A 171 -1.17 2.50 -4.43
CA ARG A 171 -2.49 1.92 -4.71
C ARG A 171 -2.81 0.74 -3.78
N ASN A 172 -1.79 0.19 -3.14
CA ASN A 172 -1.98 -0.89 -2.18
C ASN A 172 -1.81 -0.43 -0.75
N CYS A 173 -1.81 0.88 -0.54
CA CYS A 173 -1.83 1.45 0.79
C CYS A 173 -3.17 2.15 1.03
N LEU A 174 -3.58 2.25 2.29
CA LEU A 174 -4.86 2.85 2.63
C LEU A 174 -4.71 4.01 3.61
N VAL A 175 -5.56 5.02 3.47
CA VAL A 175 -5.53 6.17 4.37
C VAL A 175 -6.84 6.31 5.12
N GLY A 176 -6.74 6.44 6.44
CA GLY A 176 -7.92 6.54 7.29
C GLY A 176 -8.05 7.90 7.97
N GLN A 177 -8.96 7.96 8.94
CA GLN A 177 -9.17 9.16 9.75
C GLN A 177 -7.87 9.66 10.37
N GLY A 178 -7.65 10.98 10.32
CA GLY A 178 -6.46 11.57 10.89
C GLY A 178 -5.23 11.29 10.04
N LEU A 179 -5.46 10.88 8.80
CA LEU A 179 -4.40 10.55 7.85
C LEU A 179 -3.51 9.45 8.39
N VAL A 180 -4.12 8.46 9.03
CA VAL A 180 -3.42 7.23 9.38
C VAL A 180 -3.24 6.42 8.11
N VAL A 181 -1.99 6.10 7.79
CA VAL A 181 -1.68 5.38 6.56
C VAL A 181 -1.22 3.95 6.87
N LYS A 182 -1.91 2.97 6.28
CA LYS A 182 -1.62 1.56 6.52
C LYS A 182 -1.41 0.79 5.23
N ILE A 183 -0.60 -0.26 5.32
CA ILE A 183 -0.33 -1.11 4.16
C ILE A 183 -1.37 -2.21 4.00
N GLY A 184 -1.90 -2.32 2.78
CA GLY A 184 -2.73 -3.46 2.39
C GLY A 184 -2.11 -4.08 1.13
N ASP A 185 -2.92 -4.78 0.34
CA ASP A 185 -2.48 -5.29 -0.97
C ASP A 185 -3.68 -5.73 -1.82
N PHE A 186 -4.26 -4.78 -2.54
CA PHE A 186 -5.31 -5.08 -3.51
C PHE A 186 -4.79 -6.05 -4.58
N GLY A 187 -5.65 -6.92 -5.12
CA GLY A 187 -7.07 -6.94 -4.79
C GLY A 187 -7.89 -6.39 -5.95
N MET A 188 -8.03 -5.07 -5.98
CA MET A 188 -8.63 -4.39 -7.11
C MET A 188 -7.54 -3.89 -8.05
N SER A 189 -6.33 -3.77 -7.50
CA SER A 189 -5.18 -3.20 -8.21
C SER A 189 -4.98 -3.73 -9.62
N ARG A 190 -5.31 -5.01 -9.83
CA ARG A 190 -5.18 -5.58 -11.17
C ARG A 190 -6.35 -5.17 -12.07
N ASP A 191 -7.40 -4.61 -11.45
CA ASP A 191 -8.59 -4.14 -12.17
C ASP A 191 -8.71 -2.62 -12.15
N ILE A 192 -8.62 -2.01 -13.33
CA ILE A 192 -8.76 -0.56 -13.53
C ILE A 192 -7.71 0.22 -12.72
N TYR A 193 -6.63 -0.47 -12.35
CA TYR A 193 -5.33 0.13 -12.11
C TYR A 193 -4.40 -0.62 -13.05
N SER A 194 -5.02 -1.23 -14.06
CA SER A 194 -4.36 -2.14 -15.00
C SER A 194 -3.11 -1.58 -15.63
N THR A 195 -3.09 -0.27 -15.85
CA THR A 195 -1.95 0.40 -16.47
C THR A 195 -0.65 0.21 -15.68
N ASP A 196 -0.79 -0.11 -14.39
CA ASP A 196 0.37 -0.29 -13.52
C ASP A 196 0.98 -1.69 -13.62
N TYR A 197 0.31 -2.57 -14.34
CA TYR A 197 0.79 -3.95 -14.48
C TYR A 197 1.10 -4.33 -15.92
N TYR A 198 2.10 -5.20 -16.08
CA TYR A 198 2.49 -5.71 -17.39
C TYR A 198 2.11 -7.19 -17.47
N ARG A 199 1.22 -7.52 -18.40
CA ARG A 199 0.74 -8.89 -18.53
C ARG A 199 1.76 -9.80 -19.19
N VAL A 200 2.33 -10.71 -18.41
CA VAL A 200 3.21 -11.75 -18.95
C VAL A 200 2.49 -13.09 -18.94
N GLY A 201 2.73 -13.89 -19.98
CA GLY A 201 2.04 -15.15 -20.11
C GLY A 201 0.54 -14.94 -20.30
N GLY A 202 -0.25 -15.84 -19.71
CA GLY A 202 -1.69 -15.77 -19.87
C GLY A 202 -2.43 -15.14 -18.71
N ARG A 203 -1.91 -15.33 -17.49
CA ARG A 203 -2.64 -14.90 -16.30
C ARG A 203 -1.73 -14.23 -15.26
N THR A 204 -0.50 -13.92 -15.64
CA THR A 204 0.42 -13.28 -14.71
C THR A 204 0.60 -11.79 -15.04
N MET A 205 0.47 -10.95 -14.02
CA MET A 205 0.68 -9.52 -14.19
C MET A 205 1.76 -9.03 -13.24
N LEU A 206 2.74 -8.30 -13.77
CA LEU A 206 3.89 -7.86 -12.99
C LEU A 206 3.98 -6.33 -12.92
N PRO A 207 4.06 -5.80 -11.69
CA PRO A 207 4.19 -4.35 -11.48
C PRO A 207 5.59 -3.87 -11.80
N ILE A 208 5.99 -4.00 -13.06
CA ILE A 208 7.38 -3.80 -13.46
C ILE A 208 7.96 -2.44 -13.10
N ARG A 209 7.12 -1.40 -13.11
CA ARG A 209 7.57 -0.05 -12.82
C ARG A 209 8.01 0.10 -11.37
N TRP A 210 7.59 -0.84 -10.52
CA TRP A 210 7.94 -0.83 -9.11
C TRP A 210 9.05 -1.84 -8.79
N MET A 211 9.44 -2.63 -9.80
CA MET A 211 10.36 -3.74 -9.59
C MET A 211 11.82 -3.39 -9.85
N PRO A 212 12.72 -3.91 -9.00
CA PRO A 212 14.17 -3.72 -9.13
C PRO A 212 14.76 -4.55 -10.28
N PRO A 213 16.01 -4.25 -10.69
CA PRO A 213 16.68 -4.99 -11.76
C PRO A 213 16.77 -6.50 -11.53
N GLU A 214 17.03 -6.94 -10.30
CA GLU A 214 17.18 -8.37 -10.03
C GLU A 214 15.86 -9.12 -10.18
N SER A 215 14.75 -8.41 -10.04
CA SER A 215 13.43 -9.01 -10.21
C SER A 215 13.06 -9.13 -11.67
N ILE A 216 13.40 -8.10 -12.46
CA ILE A 216 13.09 -8.10 -13.88
C ILE A 216 13.99 -9.07 -14.64
N LEU A 217 15.27 -9.11 -14.26
CA LEU A 217 16.24 -9.94 -14.95
C LEU A 217 16.27 -11.38 -14.42
N TYR A 218 16.34 -11.53 -13.11
CA TYR A 218 16.62 -12.83 -12.50
C TYR A 218 15.40 -13.49 -11.86
N ARG A 219 14.26 -12.80 -11.88
CA ARG A 219 13.03 -13.28 -11.23
C ARG A 219 13.24 -13.51 -9.74
N LYS A 220 14.10 -12.72 -9.13
CA LYS A 220 14.34 -12.78 -7.70
C LYS A 220 13.66 -11.61 -6.99
N PHE A 221 13.02 -11.88 -5.87
CA PHE A 221 12.44 -10.81 -5.07
C PHE A 221 12.68 -11.09 -3.59
N THR A 222 13.49 -10.23 -2.96
CA THR A 222 13.80 -10.36 -1.55
C THR A 222 13.34 -9.13 -0.80
N THR A 223 13.68 -9.04 0.48
CA THR A 223 13.39 -7.86 1.28
C THR A 223 14.16 -6.67 0.73
N GLU A 224 15.32 -6.93 0.14
CA GLU A 224 16.11 -5.88 -0.50
C GLU A 224 15.38 -5.31 -1.72
N SER A 225 14.54 -6.15 -2.34
CA SER A 225 13.72 -5.71 -3.45
C SER A 225 12.64 -4.75 -2.96
N ASP A 226 12.17 -4.99 -1.75
CA ASP A 226 11.13 -4.18 -1.15
C ASP A 226 11.59 -2.74 -0.90
N VAL A 227 12.85 -2.56 -0.55
CA VAL A 227 13.34 -1.21 -0.27
C VAL A 227 13.49 -0.47 -1.59
N TRP A 228 13.74 -1.19 -2.69
CA TRP A 228 13.71 -0.58 -4.01
C TRP A 228 12.30 -0.11 -4.31
N SER A 229 11.34 -1.02 -4.14
CA SER A 229 9.93 -0.72 -4.35
C SER A 229 9.45 0.42 -3.46
N PHE A 230 9.95 0.47 -2.23
CA PHE A 230 9.58 1.56 -1.34
C PHE A 230 10.11 2.90 -1.84
N GLY A 231 11.31 2.88 -2.43
CA GLY A 231 11.87 4.07 -3.03
C GLY A 231 10.95 4.63 -4.09
N VAL A 232 10.30 3.71 -4.82
CA VAL A 232 9.35 4.11 -5.84
C VAL A 232 8.09 4.68 -5.20
N VAL A 233 7.64 4.05 -4.11
CA VAL A 233 6.50 4.57 -3.34
C VAL A 233 6.77 5.98 -2.84
N LEU A 234 7.99 6.19 -2.34
CA LEU A 234 8.44 7.50 -1.89
C LEU A 234 8.36 8.51 -3.03
N TRP A 235 8.66 8.06 -4.24
CA TRP A 235 8.58 8.89 -5.43
C TRP A 235 7.12 9.21 -5.77
N GLU A 236 6.29 8.17 -5.75
CA GLU A 236 4.85 8.33 -5.94
C GLU A 236 4.27 9.42 -5.04
N ILE A 237 4.67 9.37 -3.78
CA ILE A 237 4.19 10.29 -2.77
C ILE A 237 4.54 11.72 -3.14
N PHE A 238 5.80 11.95 -3.49
CA PHE A 238 6.29 13.30 -3.75
C PHE A 238 5.96 13.78 -5.16
N THR A 239 5.35 12.93 -5.96
CA THR A 239 4.81 13.35 -7.25
C THR A 239 3.29 13.42 -7.16
N TYR A 240 2.78 13.26 -5.95
CA TYR A 240 1.35 13.26 -5.68
C TYR A 240 0.63 12.18 -6.48
N GLY A 241 1.23 10.99 -6.51
CA GLY A 241 0.57 9.82 -7.06
C GLY A 241 0.74 9.63 -8.56
N LYS A 242 1.75 10.28 -9.13
CA LYS A 242 2.04 10.12 -10.55
C LYS A 242 2.58 8.71 -10.81
N GLN A 243 2.25 8.14 -11.96
CA GLN A 243 2.78 6.83 -12.33
C GLN A 243 4.27 6.92 -12.64
N PRO A 244 5.06 6.00 -12.07
CA PRO A 244 6.50 5.97 -12.36
C PRO A 244 6.75 5.60 -13.81
N TRP A 245 7.67 6.33 -14.46
CA TRP A 245 7.94 6.16 -15.89
C TRP A 245 6.65 6.29 -16.71
N TYR A 246 5.81 7.26 -16.36
CA TYR A 246 4.52 7.44 -17.02
C TYR A 246 4.70 7.75 -18.51
N GLN A 247 5.84 8.33 -18.86
CA GLN A 247 6.13 8.68 -20.25
C GLN A 247 6.64 7.48 -21.05
N LEU A 248 6.77 6.32 -20.39
CA LEU A 248 7.31 5.14 -21.05
C LEU A 248 6.32 3.99 -21.15
N SER A 249 6.40 3.23 -22.25
CA SER A 249 5.68 1.99 -22.38
C SER A 249 6.27 0.97 -21.41
N ASN A 250 5.57 -0.14 -21.22
CA ASN A 250 6.06 -1.18 -20.31
C ASN A 250 7.46 -1.67 -20.66
N THR A 251 7.67 -2.00 -21.93
CA THR A 251 8.98 -2.48 -22.39
C THR A 251 10.06 -1.41 -22.25
N GLU A 252 9.72 -0.17 -22.58
CA GLU A 252 10.65 0.95 -22.42
C GLU A 252 11.01 1.16 -20.95
N ALA A 253 10.04 0.93 -20.08
CA ALA A 253 10.29 1.01 -18.64
C ALA A 253 11.23 -0.11 -18.20
N ILE A 254 10.98 -1.31 -18.72
CA ILE A 254 11.87 -2.45 -18.46
C ILE A 254 13.29 -2.13 -18.91
N ASP A 255 13.41 -1.55 -20.10
CA ASP A 255 14.71 -1.16 -20.63
C ASP A 255 15.44 -0.18 -19.71
N CYS A 256 14.71 0.82 -19.21
CA CYS A 256 15.33 1.86 -18.39
C CYS A 256 15.77 1.34 -17.03
N ILE A 257 14.93 0.50 -16.42
CA ILE A 257 15.21 -0.05 -15.10
C ILE A 257 16.40 -1.01 -15.10
N THR A 258 16.45 -1.91 -16.09
CA THR A 258 17.52 -2.90 -16.16
C THR A 258 18.85 -2.28 -16.59
N GLN A 259 18.79 -1.08 -17.14
CA GLN A 259 20.00 -0.42 -17.63
C GLN A 259 20.51 0.69 -16.70
N GLY A 260 19.85 0.87 -15.55
CA GLY A 260 20.37 1.74 -14.51
C GLY A 260 19.84 3.16 -14.45
N ARG A 261 18.89 3.48 -15.32
CA ARG A 261 18.32 4.83 -15.34
C ARG A 261 17.36 5.03 -14.18
N GLU A 262 17.43 6.19 -13.52
CA GLU A 262 16.62 6.44 -12.34
C GLU A 262 15.57 7.52 -12.55
N LEU A 263 14.53 7.49 -11.72
CA LEU A 263 13.46 8.47 -11.76
C LEU A 263 13.97 9.87 -11.39
N GLU A 264 13.48 10.87 -12.10
CA GLU A 264 13.85 12.27 -11.82
C GLU A 264 13.37 12.68 -10.43
N ARG A 265 14.04 13.67 -9.85
CA ARG A 265 13.61 14.21 -8.56
C ARG A 265 12.33 15.01 -8.73
N PRO A 266 11.29 14.64 -7.97
CA PRO A 266 10.01 15.36 -7.99
C PRO A 266 10.14 16.81 -7.54
N ARG A 267 9.39 17.72 -8.16
CA ARG A 267 9.43 19.14 -7.84
C ARG A 267 9.25 19.39 -6.34
N ALA A 268 8.31 18.67 -5.74
CA ALA A 268 8.02 18.83 -4.33
C ALA A 268 9.04 18.14 -3.43
N CYS A 269 9.96 17.39 -4.03
CA CYS A 269 10.92 16.62 -3.25
C CYS A 269 12.22 17.35 -3.00
N PRO A 270 12.55 17.57 -1.73
CA PRO A 270 13.82 18.18 -1.33
C PRO A 270 15.00 17.25 -1.65
N PRO A 271 16.18 17.82 -1.91
CA PRO A 271 17.39 17.04 -2.17
C PRO A 271 17.73 16.10 -1.03
N GLU A 272 17.34 16.46 0.19
CA GLU A 272 17.55 15.62 1.36
C GLU A 272 16.78 14.31 1.23
N VAL A 273 15.55 14.40 0.74
CA VAL A 273 14.68 13.24 0.61
C VAL A 273 15.01 12.43 -0.65
N TYR A 274 15.44 13.13 -1.70
CA TYR A 274 15.81 12.46 -2.94
C TYR A 274 17.02 11.57 -2.72
N ALA A 275 17.84 11.92 -1.73
CA ALA A 275 19.00 11.11 -1.39
C ALA A 275 18.59 9.78 -0.78
N ILE A 276 17.45 9.78 -0.09
CA ILE A 276 16.91 8.55 0.48
C ILE A 276 16.38 7.64 -0.62
N MET A 277 15.81 8.24 -1.66
CA MET A 277 15.34 7.48 -2.82
C MET A 277 16.51 6.78 -3.50
N ARG A 278 17.57 7.55 -3.77
CA ARG A 278 18.75 7.00 -4.45
C ARG A 278 19.34 5.86 -3.63
N GLY A 279 19.33 6.00 -2.31
CA GLY A 279 19.83 4.97 -1.42
C GLY A 279 19.01 3.69 -1.54
N CYS A 280 17.74 3.85 -1.89
CA CYS A 280 16.85 2.72 -2.11
C CYS A 280 17.04 2.12 -3.50
N TRP A 281 17.74 2.84 -4.36
CA TRP A 281 17.83 2.48 -5.77
C TRP A 281 19.21 2.05 -6.23
N GLN A 282 20.05 1.61 -5.29
CA GLN A 282 21.35 1.06 -5.64
C GLN A 282 21.14 -0.16 -6.52
N ARG A 283 21.96 -0.29 -7.55
CA ARG A 283 21.88 -1.42 -8.48
C ARG A 283 21.96 -2.75 -7.76
N GLU A 284 23.03 -2.92 -6.97
CA GLU A 284 23.22 -4.13 -6.19
C GLU A 284 22.38 -4.07 -4.91
N PRO A 285 21.54 -5.09 -4.70
CA PRO A 285 20.65 -5.22 -3.53
C PRO A 285 21.36 -4.98 -2.20
N GLN A 286 22.53 -5.60 -2.03
CA GLN A 286 23.26 -5.50 -0.77
C GLN A 286 23.81 -4.09 -0.52
N GLN A 287 23.78 -3.26 -1.57
CA GLN A 287 24.29 -1.90 -1.45
C GLN A 287 23.21 -0.91 -1.04
N ARG A 288 21.94 -1.32 -1.10
CA ARG A 288 20.84 -0.48 -0.64
C ARG A 288 20.84 -0.41 0.88
N HIS A 289 20.26 0.66 1.42
CA HIS A 289 20.11 0.77 2.86
C HIS A 289 19.04 -0.20 3.34
N SER A 290 19.02 -0.49 4.63
CA SER A 290 17.97 -1.32 5.19
C SER A 290 16.71 -0.48 5.32
N ILE A 291 15.56 -1.14 5.41
CA ILE A 291 14.30 -0.43 5.51
C ILE A 291 14.19 0.22 6.89
N LYS A 292 14.84 -0.39 7.87
CA LYS A 292 14.85 0.13 9.24
C LYS A 292 15.51 1.50 9.29
N ASP A 293 16.54 1.67 8.47
CA ASP A 293 17.31 2.91 8.43
C ASP A 293 16.62 3.97 7.58
N VAL A 294 15.94 3.54 6.54
CA VAL A 294 15.18 4.45 5.67
C VAL A 294 14.02 5.07 6.46
N HIS A 295 13.32 4.23 7.20
CA HIS A 295 12.26 4.70 8.08
C HIS A 295 12.82 5.66 9.12
N ALA A 296 13.96 5.29 9.69
CA ALA A 296 14.61 6.11 10.71
C ALA A 296 14.86 7.52 10.21
N ARG A 297 15.39 7.62 9.00
CA ARG A 297 15.69 8.92 8.41
C ARG A 297 14.42 9.70 8.10
N LEU A 298 13.38 8.99 7.63
CA LEU A 298 12.12 9.63 7.27
C LEU A 298 11.34 10.13 8.48
N GLN A 299 11.30 9.34 9.54
CA GLN A 299 10.57 9.72 10.76
C GLN A 299 11.22 10.93 11.42
N ALA A 300 12.54 10.99 11.34
CA ALA A 300 13.29 12.12 11.89
C ALA A 300 12.89 13.42 11.21
N LEU A 301 12.64 13.35 9.90
CA LEU A 301 12.23 14.51 9.13
C LEU A 301 10.74 14.80 9.35
N ALA A 302 9.96 13.74 9.48
CA ALA A 302 8.53 13.85 9.71
C ALA A 302 8.23 14.58 11.01
N GLN A 303 9.04 14.30 12.03
CA GLN A 303 8.84 14.90 13.35
C GLN A 303 9.69 16.15 13.55
N ALA A 304 10.49 16.48 12.54
CA ALA A 304 11.37 17.65 12.61
C ALA A 304 10.56 18.94 12.70
N PRO A 305 11.02 19.89 13.54
CA PRO A 305 10.33 21.17 13.68
C PRO A 305 10.27 21.94 12.37
N PRO A 306 9.20 22.73 12.15
CA PRO A 306 9.01 23.56 10.97
C PRO A 306 10.27 24.34 10.58
N VAL A 307 10.96 24.91 11.56
CA VAL A 307 12.20 25.66 11.33
C VAL A 307 13.22 24.82 10.56
N TYR A 308 13.33 23.55 10.92
CA TYR A 308 14.24 22.65 10.23
C TYR A 308 13.73 22.31 8.83
N LEU A 309 12.44 22.01 8.73
CA LEU A 309 11.84 21.59 7.48
C LEU A 309 11.70 22.71 6.47
N ASP A 310 11.51 23.94 6.95
CA ASP A 310 11.33 25.08 6.07
C ASP A 310 12.55 25.34 5.20
N VAL A 311 13.73 25.02 5.71
CA VAL A 311 14.97 25.31 5.02
C VAL A 311 15.43 24.11 4.18
N LEU A 312 14.69 23.01 4.29
CA LEU A 312 14.94 21.84 3.46
C LEU A 312 14.61 22.12 2.00
C10 A4U B . -4.10 -8.48 1.07
C13 A4U B . -2.26 -12.01 0.34
C15 A4U B . -0.61 -13.20 -0.53
C20 A4U B . -1.81 -11.57 -1.79
C21 A4U B . -1.43 -9.84 1.70
C22 A4U B . -1.70 -8.43 2.21
C24 A4U B . -0.66 -7.93 4.53
C26 A4U B . -3.04 -7.76 1.90
C01 A4U B . -7.02 -4.03 2.18
C02 A4U B . -7.70 -4.79 1.04
C03 A4U B . -9.08 -4.32 0.60
C04 A4U B . -9.82 -5.04 -0.54
C05 A4U B . -9.18 -6.22 -1.23
C06 A4U B . -7.80 -6.70 -0.80
C07 A4U B . -7.06 -5.99 0.35
C08 A4U B . -5.67 -6.50 0.75
N09 A4U B . -5.39 -7.90 0.72
C11 A4U B . -3.83 -9.88 0.57
C12 A4U B . -2.50 -10.57 0.87
N14 A4U B . -1.35 -12.02 -0.55
C16 A4U B . -0.95 -14.22 -1.62
N17 A4U B . -1.08 -13.60 -2.86
C18 A4U B . -1.31 -14.61 -3.92
C19 A4U B . -2.10 -12.67 -2.82
C23 A4U B . -0.65 -7.68 3.04
C25 A4U B . -1.19 -6.61 3.97
O27 A4U B . -4.80 -5.70 1.05
O28 A4U B . -9.88 -6.88 -2.30
C29 A4U B . -10.15 -6.01 -3.41
C30 A4U B . -11.62 -6.17 -3.90
C31 A4U B . -11.86 -5.24 -5.14
C32 A4U B . -12.70 -3.98 -4.74
C33 A4U B . -11.80 -2.86 -4.10
C34 A4U B . -12.33 -1.46 -4.58
C35 A4U B . -11.37 -0.29 -4.17
N36 A4U B . -11.47 -0.09 -2.73
C37 A4U B . -11.52 1.24 -2.11
C38 A4U B . -11.61 1.27 -0.57
N39 A4U B . -11.12 0.11 0.12
N40 A4U B . -11.17 0.04 1.61
C41 A4U B . -11.67 1.08 2.36
C42 A4U B . -12.20 2.32 1.64
C43 A4U B . -12.15 2.39 0.19
N44 A4U B . -11.57 0.69 3.69
C45 A4U B . -11.00 -0.55 3.74
C46 A4U B . -10.77 -0.94 2.42
C47 A4U B . -10.17 -2.20 1.84
C48 A4U B . -9.70 -3.14 1.30
O49 A4U B . -11.46 2.26 -2.78
#